data_9HBV
#
_entry.id   9HBV
#
_cell.length_a   1.00
_cell.length_b   1.00
_cell.length_c   1.00
_cell.angle_alpha   90.00
_cell.angle_beta   90.00
_cell.angle_gamma   90.00
#
_symmetry.space_group_name_H-M   'P 1'
#
loop_
_entity.id
_entity.type
_entity.pdbx_description
1 polymer 'Tilapia Lake Virus nucleoprotein (segment 4)'
2 polymer '40-mer vRNA loop'
3 polymer '40-mer vRNA loop'
#
loop_
_entity_poly.entity_id
_entity_poly.type
_entity_poly.pdbx_seq_one_letter_code
_entity_poly.pdbx_strand_id
1 'polypeptide(L)'
;MVRTTKTSMAAASTVAPEVAMDEGSPSTSQAQVELPRNLEVFNEACGHVFGSSFNREDNSVISDAAAFLFKMHTHSLDGQ
EAKVLRASEKKRERENAKKSRKAPEAGMRVGRSLILTSRWTEYCATCVPALGSKMKVIKASGDAAMIQMMKDHNSLLRVC
VRIEVWKARYVSLVALDERIQTLEDAQWFPYLSGDSYRACPGLVGGYFAKKAAAGERGKNYKKLNQTAIIPPPRFLIIGH
RLQIGDQVTLRELLASIAWGLCDGVLAECWSPSQGDGSIGVVVGLPLQATGSCFLVVASHGLSAIADSRIEGTGNTNLLE
ECIAIQKQDGVIKCKRSGKSLYHCLKETAGAVGR
;
C,D,E
2 'polyribonucleotide' (P5P)(P5P)(P5P)(P5P)(P5P)(Y5P)(Y5P)(P5P)(P5P)(Y5P) O
3 'polyribonucleotide'
;(Y5P)(Y5P)(Y5P)(Y5P)(Y5P)(P5P)(Y5P)(P5P)(P5P)(P5P)(P5P)(P5P)(P5P)(P5P)(P5P)(Y5P)
(Y5P)(Y5P)(P5P)(Y5P)
;
N
#
# COMPACT_ATOMS: atom_id res chain seq x y z
N GLU A 34 -40.52 -19.06 3.88
CA GLU A 34 -40.27 -19.60 5.20
C GLU A 34 -38.80 -19.43 5.58
N LEU A 35 -38.17 -18.40 5.04
CA LEU A 35 -36.78 -18.13 5.31
C LEU A 35 -36.61 -17.54 6.72
N PRO A 36 -35.41 -17.66 7.30
CA PRO A 36 -35.18 -17.04 8.60
C PRO A 36 -35.28 -15.52 8.52
N ARG A 37 -35.59 -14.91 9.65
CA ARG A 37 -35.72 -13.46 9.69
C ARG A 37 -34.45 -12.78 9.19
N ASN A 38 -33.28 -13.38 9.43
CA ASN A 38 -32.03 -12.76 9.03
C ASN A 38 -31.99 -12.51 7.52
N LEU A 39 -32.27 -13.54 6.73
CA LEU A 39 -32.24 -13.39 5.28
C LEU A 39 -33.47 -12.66 4.75
N GLU A 40 -34.61 -12.82 5.43
CA GLU A 40 -35.81 -12.09 5.01
C GLU A 40 -35.59 -10.59 5.11
N VAL A 41 -34.91 -10.14 6.17
CA VAL A 41 -34.64 -8.71 6.31
C VAL A 41 -33.79 -8.22 5.14
N PHE A 42 -32.75 -8.97 4.77
CA PHE A 42 -31.90 -8.55 3.67
C PHE A 42 -32.65 -8.54 2.36
N ASN A 43 -33.49 -9.55 2.12
CA ASN A 43 -34.27 -9.58 0.89
C ASN A 43 -35.20 -8.36 0.81
N GLU A 44 -35.91 -8.07 1.90
CA GLU A 44 -36.82 -6.94 1.89
C GLU A 44 -36.08 -5.63 1.72
N ALA A 45 -34.94 -5.47 2.40
CA ALA A 45 -34.17 -4.24 2.28
C ALA A 45 -33.68 -4.04 0.86
N CYS A 46 -33.12 -5.09 0.26
CA CYS A 46 -32.63 -4.98 -1.11
C CYS A 46 -33.77 -4.65 -2.06
N GLY A 47 -34.91 -5.31 -1.90
CA GLY A 47 -36.04 -4.98 -2.75
C GLY A 47 -36.46 -3.52 -2.62
N HIS A 48 -36.62 -3.06 -1.37
CA HIS A 48 -37.08 -1.69 -1.16
C HIS A 48 -36.09 -0.67 -1.71
N VAL A 49 -34.79 -0.94 -1.58
CA VAL A 49 -33.80 0.04 -1.98
C VAL A 49 -33.43 -0.01 -3.45
N PHE A 50 -33.68 -1.13 -4.14
CA PHE A 50 -33.22 -1.28 -5.51
C PHE A 50 -34.32 -1.68 -6.49
N GLY A 51 -35.58 -1.67 -6.08
CA GLY A 51 -36.64 -1.92 -7.05
C GLY A 51 -36.48 -3.27 -7.71
N SER A 52 -36.74 -3.31 -9.02
CA SER A 52 -36.63 -4.53 -9.80
C SER A 52 -35.24 -4.76 -10.36
N SER A 53 -34.34 -3.77 -10.27
CA SER A 53 -33.00 -3.91 -10.81
C SER A 53 -32.14 -4.86 -10.00
N PHE A 54 -32.60 -5.30 -8.83
CA PHE A 54 -31.83 -6.21 -7.99
C PHE A 54 -32.04 -7.64 -8.48
N ASN A 55 -30.98 -8.26 -8.98
CA ASN A 55 -31.05 -9.62 -9.50
C ASN A 55 -30.62 -10.60 -8.41
N ARG A 56 -31.45 -11.63 -8.18
CA ARG A 56 -31.23 -12.58 -7.11
C ARG A 56 -30.46 -13.81 -7.56
N GLU A 57 -29.67 -13.70 -8.63
CA GLU A 57 -28.94 -14.84 -9.16
C GLU A 57 -27.50 -14.53 -9.56
N ASP A 58 -27.05 -13.28 -9.43
CA ASP A 58 -25.72 -12.88 -9.83
C ASP A 58 -24.89 -12.51 -8.61
N ASN A 59 -23.70 -13.10 -8.50
CA ASN A 59 -22.87 -12.86 -7.32
C ASN A 59 -22.41 -11.41 -7.24
N SER A 60 -21.97 -10.85 -8.36
CA SER A 60 -21.48 -9.47 -8.35
C SER A 60 -22.60 -8.50 -7.95
N VAL A 61 -23.79 -8.71 -8.49
CA VAL A 61 -24.91 -7.81 -8.18
C VAL A 61 -25.25 -7.88 -6.70
N ILE A 62 -25.34 -9.09 -6.15
CA ILE A 62 -25.68 -9.23 -4.74
C ILE A 62 -24.60 -8.65 -3.86
N SER A 63 -23.33 -8.88 -4.20
CA SER A 63 -22.24 -8.32 -3.40
C SER A 63 -22.26 -6.80 -3.42
N ASP A 64 -22.51 -6.19 -4.59
CA ASP A 64 -22.56 -4.73 -4.65
C ASP A 64 -23.74 -4.19 -3.87
N ALA A 65 -24.91 -4.85 -3.96
CA ALA A 65 -26.07 -4.41 -3.20
C ALA A 65 -25.80 -4.52 -1.70
N ALA A 66 -25.20 -5.62 -1.26
CA ALA A 66 -24.89 -5.77 0.15
C ALA A 66 -23.89 -4.74 0.62
N ALA A 67 -22.90 -4.42 -0.21
CA ALA A 67 -21.95 -3.38 0.15
C ALA A 67 -22.64 -2.03 0.31
N PHE A 68 -23.54 -1.70 -0.62
CA PHE A 68 -24.25 -0.42 -0.50
C PHE A 68 -25.12 -0.39 0.75
N LEU A 69 -25.82 -1.48 1.03
CA LEU A 69 -26.66 -1.52 2.24
C LEU A 69 -25.81 -1.42 3.49
N PHE A 70 -24.63 -2.06 3.49
CA PHE A 70 -23.74 -1.95 4.63
C PHE A 70 -23.28 -0.51 4.83
N LYS A 71 -22.93 0.17 3.74
CA LYS A 71 -22.56 1.58 3.86
C LYS A 71 -23.71 2.41 4.37
N MET A 72 -24.93 2.14 3.90
CA MET A 72 -26.09 2.91 4.33
C MET A 72 -26.37 2.69 5.81
N HIS A 73 -26.23 1.46 6.29
CA HIS A 73 -26.51 1.14 7.67
C HIS A 73 -25.36 1.48 8.61
N THR A 74 -24.21 1.88 8.07
CA THR A 74 -23.11 2.35 8.88
C THR A 74 -22.99 3.86 8.89
N HIS A 75 -23.96 4.58 8.32
CA HIS A 75 -23.94 6.04 8.26
C HIS A 75 -22.66 6.54 7.60
N SER A 76 -22.38 6.01 6.41
CA SER A 76 -21.21 6.38 5.64
C SER A 76 -21.55 6.94 4.26
N LEU A 77 -22.82 7.04 3.91
CA LEU A 77 -23.22 7.64 2.65
C LEU A 77 -23.17 9.17 2.77
N ASP A 78 -23.41 9.84 1.63
CA ASP A 78 -23.50 11.29 1.63
C ASP A 78 -24.84 11.74 2.20
N GLY A 79 -24.82 12.81 2.99
CA GLY A 79 -26.01 13.35 3.60
C GLY A 79 -26.42 12.70 4.90
N GLN A 80 -25.68 11.70 5.37
CA GLN A 80 -25.98 11.02 6.62
C GLN A 80 -25.24 11.69 7.77
N GLU A 81 -25.63 11.34 8.99
CA GLU A 81 -25.07 11.95 10.19
C GLU A 81 -23.55 11.85 10.20
N ALA A 82 -22.90 12.71 10.97
CA ALA A 82 -21.45 12.80 11.03
C ALA A 82 -20.93 12.11 12.28
N LYS A 83 -19.81 11.40 12.14
CA LYS A 83 -19.18 10.71 13.26
C LYS A 83 -18.20 11.67 13.91
N VAL A 84 -18.67 12.36 14.95
CA VAL A 84 -17.92 13.45 15.55
C VAL A 84 -17.80 13.26 17.07
N LEU A 85 -17.83 12.02 17.52
CA LEU A 85 -17.66 11.78 18.96
C LEU A 85 -16.28 12.18 19.43
N ARG A 86 -15.24 11.70 18.74
CA ARG A 86 -13.86 12.04 19.08
C ARG A 86 -13.02 12.22 17.81
N ALA A 87 -13.64 12.66 16.72
CA ALA A 87 -12.96 12.74 15.45
C ALA A 87 -11.82 13.76 15.49
N SER A 88 -10.76 13.48 14.74
CA SER A 88 -9.68 14.43 14.58
C SER A 88 -10.10 15.53 13.61
N GLU A 89 -9.26 16.57 13.51
CA GLU A 89 -9.62 17.71 12.67
C GLU A 89 -9.81 17.30 11.22
N LYS A 90 -8.90 16.48 10.69
CA LYS A 90 -9.06 15.99 9.32
C LYS A 90 -10.29 15.09 9.22
N LYS A 91 -10.46 14.18 10.18
CA LYS A 91 -11.66 13.36 10.22
C LYS A 91 -12.90 14.22 10.43
N ARG A 92 -12.78 15.27 11.24
CA ARG A 92 -13.89 16.19 11.43
C ARG A 92 -14.32 16.81 10.12
N GLU A 93 -13.36 17.30 9.34
CA GLU A 93 -13.69 17.90 8.05
C GLU A 93 -14.29 16.87 7.11
N ARG A 94 -13.74 15.65 7.11
CA ARG A 94 -14.29 14.61 6.24
C ARG A 94 -15.75 14.31 6.58
N GLU A 95 -16.05 14.14 7.86
CA GLU A 95 -17.42 13.85 8.27
C GLU A 95 -18.34 15.03 7.96
N ASN A 96 -17.88 16.26 8.19
CA ASN A 96 -18.71 17.42 7.91
C ASN A 96 -19.00 17.52 6.41
N ALA A 97 -18.00 17.28 5.56
CA ALA A 97 -18.23 17.30 4.13
C ALA A 97 -19.19 16.20 3.71
N LYS A 98 -19.05 15.01 4.29
CA LYS A 98 -19.96 13.91 3.98
C LYS A 98 -21.40 14.28 4.35
N LYS A 99 -21.58 14.84 5.54
CA LYS A 99 -22.92 15.23 5.98
C LYS A 99 -23.50 16.31 5.07
N SER A 100 -22.67 17.30 4.69
CA SER A 100 -23.16 18.39 3.88
C SER A 100 -23.38 17.98 2.42
N ARG A 101 -22.64 16.98 1.94
CA ARG A 101 -22.76 16.57 0.55
C ARG A 101 -24.16 16.04 0.27
N LYS A 102 -24.63 16.29 -0.94
CA LYS A 102 -25.96 15.85 -1.33
C LYS A 102 -26.06 14.33 -1.27
N ALA A 103 -27.17 13.84 -0.71
CA ALA A 103 -27.38 12.41 -0.58
C ALA A 103 -27.71 11.79 -1.93
N PRO A 104 -27.51 10.49 -2.08
CA PRO A 104 -27.85 9.83 -3.35
C PRO A 104 -29.31 10.06 -3.73
N GLU A 105 -29.54 10.23 -5.02
CA GLU A 105 -30.86 10.51 -5.55
C GLU A 105 -31.38 9.33 -6.35
N ALA A 106 -32.71 9.23 -6.43
CA ALA A 106 -33.33 8.12 -7.15
C ALA A 106 -32.83 8.08 -8.58
N GLY A 107 -32.56 6.87 -9.07
CA GLY A 107 -32.00 6.67 -10.39
C GLY A 107 -30.50 6.57 -10.42
N MET A 108 -29.82 6.68 -9.29
CA MET A 108 -28.38 6.51 -9.25
C MET A 108 -28.00 5.08 -9.61
N ARG A 109 -26.83 4.93 -10.23
CA ARG A 109 -26.29 3.63 -10.59
C ARG A 109 -25.26 3.22 -9.55
N VAL A 110 -25.52 2.12 -8.85
CA VAL A 110 -24.62 1.57 -7.86
C VAL A 110 -24.06 0.28 -8.44
N GLY A 111 -22.76 0.25 -8.68
CA GLY A 111 -22.14 -0.92 -9.29
C GLY A 111 -22.33 -0.91 -10.81
N ARG A 112 -23.00 -1.93 -11.31
CA ARG A 112 -23.20 -2.08 -12.76
C ARG A 112 -24.66 -2.26 -13.14
N SER A 113 -25.45 -2.98 -12.34
CA SER A 113 -26.82 -3.30 -12.72
C SER A 113 -27.79 -3.10 -11.57
N LEU A 114 -27.50 -2.16 -10.67
CA LEU A 114 -28.40 -1.80 -9.58
C LEU A 114 -28.73 -0.33 -9.69
N ILE A 115 -30.02 -0.01 -9.68
CA ILE A 115 -30.50 1.36 -9.82
C ILE A 115 -31.33 1.71 -8.60
N LEU A 116 -30.99 2.81 -7.93
CA LEU A 116 -31.74 3.24 -6.77
C LEU A 116 -33.12 3.74 -7.17
N THR A 117 -34.09 3.50 -6.29
CA THR A 117 -35.47 3.93 -6.50
C THR A 117 -35.80 5.09 -5.58
N SER A 118 -37.04 5.56 -5.68
CA SER A 118 -37.51 6.66 -4.85
C SER A 118 -37.79 6.23 -3.41
N ARG A 119 -37.98 4.93 -3.17
CA ARG A 119 -38.29 4.45 -1.83
C ARG A 119 -37.05 4.32 -0.95
N TRP A 120 -35.85 4.49 -1.49
CA TRP A 120 -34.65 4.27 -0.69
C TRP A 120 -34.52 5.32 0.40
N THR A 121 -34.98 6.55 0.16
CA THR A 121 -34.94 7.57 1.21
C THR A 121 -35.84 7.18 2.38
N GLU A 122 -37.05 6.69 2.09
CA GLU A 122 -37.95 6.29 3.16
C GLU A 122 -37.35 5.17 3.99
N TYR A 123 -36.78 4.16 3.33
CA TYR A 123 -36.16 3.06 4.06
C TYR A 123 -34.97 3.54 4.89
N CYS A 124 -34.12 4.39 4.30
CA CYS A 124 -32.98 4.90 5.05
C CYS A 124 -33.43 5.69 6.27
N ALA A 125 -34.54 6.43 6.14
CA ALA A 125 -35.01 7.22 7.27
C ALA A 125 -35.63 6.34 8.35
N THR A 126 -36.43 5.36 7.98
CA THR A 126 -37.23 4.63 8.95
C THR A 126 -36.52 3.41 9.54
N CYS A 127 -35.66 2.73 8.78
CA CYS A 127 -35.08 1.47 9.21
C CYS A 127 -33.64 1.57 9.70
N VAL A 128 -32.89 2.57 9.28
CA VAL A 128 -31.52 2.75 9.76
C VAL A 128 -31.58 3.38 11.15
N PRO A 129 -31.05 2.74 12.19
CA PRO A 129 -31.04 3.39 13.51
C PRO A 129 -30.29 4.71 13.46
N ALA A 130 -30.78 5.68 14.23
CA ALA A 130 -30.13 6.98 14.28
C ALA A 130 -28.69 6.82 14.77
N LEU A 131 -27.80 7.65 14.24
CA LEU A 131 -26.37 7.50 14.54
C LEU A 131 -26.15 7.46 16.05
N GLY A 132 -25.36 6.48 16.49
CA GLY A 132 -25.06 6.31 17.89
C GLY A 132 -26.07 5.51 18.67
N SER A 133 -27.11 4.97 18.02
CA SER A 133 -28.09 4.18 18.74
C SER A 133 -27.45 2.93 19.33
N LYS A 134 -27.79 2.63 20.58
CA LYS A 134 -27.28 1.46 21.28
C LYS A 134 -28.43 0.52 21.60
N MET A 135 -28.16 -0.78 21.52
CA MET A 135 -29.21 -1.76 21.77
C MET A 135 -29.72 -1.67 23.20
N LYS A 136 -28.82 -1.39 24.15
CA LYS A 136 -29.22 -1.33 25.55
C LYS A 136 -30.28 -0.25 25.78
N VAL A 137 -30.08 0.94 25.19
CA VAL A 137 -31.01 2.04 25.42
C VAL A 137 -32.38 1.70 24.84
N ILE A 138 -32.40 1.16 23.63
CA ILE A 138 -33.68 0.80 23.01
C ILE A 138 -34.38 -0.27 23.83
N LYS A 139 -33.64 -1.27 24.29
CA LYS A 139 -34.23 -2.32 25.11
C LYS A 139 -34.80 -1.74 26.40
N ALA A 140 -34.07 -0.84 27.04
CA ALA A 140 -34.58 -0.23 28.28
C ALA A 140 -35.84 0.57 28.01
N SER A 141 -35.88 1.31 26.89
CA SER A 141 -37.06 2.10 26.58
C SER A 141 -38.30 1.23 26.46
N GLY A 142 -38.14 -0.03 26.09
CA GLY A 142 -39.25 -0.94 25.98
C GLY A 142 -40.06 -0.82 24.71
N ASP A 143 -39.66 0.04 23.77
CA ASP A 143 -40.37 0.18 22.51
C ASP A 143 -40.17 -1.08 21.67
N ALA A 144 -41.25 -1.82 21.44
CA ALA A 144 -41.13 -3.04 20.65
C ALA A 144 -40.71 -2.73 19.21
N ALA A 145 -41.26 -1.67 18.63
CA ALA A 145 -40.94 -1.33 17.25
C ALA A 145 -39.45 -1.04 17.09
N MET A 146 -38.90 -0.22 17.98
CA MET A 146 -37.48 0.11 17.87
C MET A 146 -36.60 -1.09 18.17
N ILE A 147 -37.03 -1.95 19.10
CA ILE A 147 -36.24 -3.16 19.37
C ILE A 147 -36.19 -4.04 18.14
N GLN A 148 -37.34 -4.24 17.48
CA GLN A 148 -37.36 -5.05 16.27
C GLN A 148 -36.51 -4.40 15.17
N MET A 149 -36.59 -3.08 15.05
CA MET A 149 -35.79 -2.39 14.04
C MET A 149 -34.30 -2.59 14.29
N MET A 150 -33.87 -2.50 15.56
CA MET A 150 -32.46 -2.69 15.87
C MET A 150 -32.04 -4.13 15.61
N LYS A 151 -32.89 -5.09 15.93
CA LYS A 151 -32.56 -6.49 15.65
C LYS A 151 -32.41 -6.72 14.15
N ASP A 152 -33.32 -6.15 13.35
CA ASP A 152 -33.20 -6.26 11.90
C ASP A 152 -31.94 -5.60 11.39
N HIS A 153 -31.58 -4.44 11.96
CA HIS A 153 -30.35 -3.78 11.57
C HIS A 153 -29.13 -4.64 11.86
N ASN A 154 -29.10 -5.27 13.04
CA ASN A 154 -27.97 -6.13 13.37
C ASN A 154 -27.89 -7.33 12.43
N SER A 155 -29.03 -7.96 12.15
CA SER A 155 -29.02 -9.10 11.22
C SER A 155 -28.54 -8.67 9.84
N LEU A 156 -28.99 -7.52 9.36
CA LEU A 156 -28.55 -7.03 8.07
C LEU A 156 -27.05 -6.76 8.07
N LEU A 157 -26.52 -6.19 9.15
CA LEU A 157 -25.09 -5.96 9.23
C LEU A 157 -24.33 -7.27 9.13
N ARG A 158 -24.79 -8.30 9.86
CA ARG A 158 -24.08 -9.58 9.83
C ARG A 158 -24.11 -10.20 8.43
N VAL A 159 -25.27 -10.19 7.78
CA VAL A 159 -25.37 -10.78 6.45
C VAL A 159 -24.51 -10.02 5.46
N CYS A 160 -24.55 -8.69 5.51
CA CYS A 160 -23.76 -7.89 4.59
C CYS A 160 -22.27 -8.11 4.81
N VAL A 161 -21.84 -8.30 6.06
CA VAL A 161 -20.43 -8.55 6.33
C VAL A 161 -20.02 -9.91 5.79
N ARG A 162 -20.89 -10.92 5.94
CA ARG A 162 -20.57 -12.23 5.38
C ARG A 162 -20.42 -12.15 3.87
N ILE A 163 -21.33 -11.45 3.20
CA ILE A 163 -21.23 -11.29 1.75
C ILE A 163 -19.96 -10.53 1.39
N GLU A 164 -19.61 -9.52 2.17
CA GLU A 164 -18.40 -8.75 1.91
C GLU A 164 -17.16 -9.62 2.01
N VAL A 165 -17.10 -10.48 3.03
CA VAL A 165 -15.96 -11.37 3.19
C VAL A 165 -15.88 -12.35 2.02
N TRP A 166 -17.01 -12.90 1.61
CA TRP A 166 -16.99 -13.82 0.48
C TRP A 166 -16.52 -13.12 -0.78
N LYS A 167 -16.97 -11.89 -1.02
CA LYS A 167 -16.54 -11.17 -2.20
C LYS A 167 -15.06 -10.84 -2.14
N ALA A 168 -14.54 -10.54 -0.95
CA ALA A 168 -13.11 -10.32 -0.80
C ALA A 168 -12.33 -11.58 -1.18
N ARG A 169 -12.79 -12.74 -0.70
CA ARG A 169 -12.11 -13.99 -1.07
C ARG A 169 -12.20 -14.24 -2.56
N TYR A 170 -13.36 -13.98 -3.16
CA TYR A 170 -13.53 -14.17 -4.60
C TYR A 170 -12.60 -13.26 -5.40
N VAL A 171 -12.46 -12.02 -4.97
CA VAL A 171 -11.57 -11.08 -5.66
C VAL A 171 -10.12 -11.52 -5.51
N SER A 172 -9.75 -12.03 -4.33
CA SER A 172 -8.35 -12.37 -4.08
C SER A 172 -7.86 -13.53 -4.93
N LEU A 173 -8.74 -14.26 -5.61
CA LEU A 173 -8.31 -15.42 -6.37
C LEU A 173 -7.51 -15.03 -7.61
N VAL A 174 -7.77 -13.85 -8.18
CA VAL A 174 -7.16 -13.47 -9.46
C VAL A 174 -6.42 -12.14 -9.35
N ALA A 175 -6.55 -11.46 -8.21
CA ALA A 175 -5.91 -10.16 -8.03
C ALA A 175 -5.55 -10.01 -6.55
N LEU A 176 -4.29 -10.29 -6.23
CA LEU A 176 -3.85 -10.20 -4.85
C LEU A 176 -3.68 -8.74 -4.42
N ASP A 177 -3.63 -8.54 -3.10
CA ASP A 177 -3.39 -7.23 -2.53
C ASP A 177 -1.88 -7.03 -2.39
N GLU A 178 -1.42 -5.81 -2.71
CA GLU A 178 0.00 -5.53 -2.62
C GLU A 178 0.52 -5.66 -1.19
N ARG A 179 -0.35 -5.47 -0.20
CA ARG A 179 0.07 -5.57 1.19
C ARG A 179 0.56 -6.96 1.55
N ILE A 180 0.10 -7.99 0.84
CA ILE A 180 0.43 -9.37 1.15
C ILE A 180 1.77 -9.67 0.47
N GLN A 181 2.86 -9.50 1.20
CA GLN A 181 4.19 -9.81 0.71
C GLN A 181 4.95 -10.77 1.60
N THR A 182 4.42 -11.10 2.78
CA THR A 182 5.03 -12.06 3.67
C THR A 182 3.94 -12.83 4.38
N LEU A 183 4.32 -13.97 4.96
CA LEU A 183 3.32 -14.84 5.59
C LEU A 183 2.60 -14.12 6.72
N GLU A 184 3.31 -13.27 7.46
CA GLU A 184 2.65 -12.53 8.53
C GLU A 184 1.59 -11.59 7.99
N ASP A 185 1.89 -10.91 6.87
CA ASP A 185 0.88 -10.05 6.26
C ASP A 185 -0.33 -10.85 5.80
N ALA A 186 -0.09 -12.02 5.18
CA ALA A 186 -1.20 -12.86 4.74
C ALA A 186 -1.96 -13.48 5.89
N GLN A 187 -1.39 -13.47 7.10
CA GLN A 187 -2.06 -14.08 8.24
C GLN A 187 -3.33 -13.34 8.63
N TRP A 188 -3.51 -12.11 8.18
CA TRP A 188 -4.64 -11.27 8.61
C TRP A 188 -5.66 -11.02 7.50
N PHE A 189 -5.59 -11.75 6.40
CA PHE A 189 -6.60 -11.63 5.37
C PHE A 189 -7.93 -12.15 5.90
N PRO A 190 -9.07 -11.51 5.54
CA PRO A 190 -9.25 -10.33 4.70
C PRO A 190 -8.96 -9.01 5.43
N TYR A 191 -8.70 -7.95 4.66
CA TYR A 191 -8.40 -6.64 5.20
C TYR A 191 -9.62 -5.75 4.96
N LEU A 192 -10.55 -5.78 5.91
CA LEU A 192 -11.81 -5.05 5.82
C LEU A 192 -11.84 -3.93 6.85
N SER A 193 -12.92 -3.14 6.78
CA SER A 193 -13.08 -1.99 7.67
C SER A 193 -13.34 -2.45 9.10
N GLY A 194 -13.32 -1.48 10.02
CA GLY A 194 -13.52 -1.80 11.43
C GLY A 194 -14.91 -2.31 11.73
N ASP A 195 -15.93 -1.68 11.16
CA ASP A 195 -17.30 -2.10 11.42
C ASP A 195 -17.53 -3.53 10.93
N SER A 196 -16.89 -3.91 9.82
CA SER A 196 -16.98 -5.28 9.35
C SER A 196 -16.49 -6.25 10.41
N TYR A 197 -15.33 -5.96 11.01
CA TYR A 197 -14.84 -6.81 12.09
C TYR A 197 -15.82 -6.81 13.26
N ARG A 198 -16.36 -5.65 13.61
CA ARG A 198 -17.26 -5.57 14.75
C ARG A 198 -18.48 -6.46 14.55
N ALA A 199 -19.03 -6.49 13.33
CA ALA A 199 -20.23 -7.28 13.09
C ALA A 199 -19.94 -8.78 13.12
N CYS A 200 -18.87 -9.21 12.43
CA CYS A 200 -18.52 -10.63 12.32
C CYS A 200 -17.06 -10.80 12.71
N PRO A 201 -16.77 -10.88 14.01
CA PRO A 201 -15.36 -11.00 14.42
C PRO A 201 -14.69 -12.28 13.94
N GLY A 202 -15.44 -13.36 13.79
CA GLY A 202 -14.87 -14.66 13.48
C GLY A 202 -14.56 -14.91 12.02
N LEU A 203 -14.81 -13.94 11.14
CA LEU A 203 -14.54 -14.09 9.72
C LEU A 203 -13.66 -12.98 9.15
N VAL A 204 -13.65 -11.80 9.77
CA VAL A 204 -12.99 -10.63 9.23
C VAL A 204 -11.63 -10.48 9.90
N GLY A 205 -10.60 -10.25 9.10
CA GLY A 205 -9.27 -9.99 9.61
C GLY A 205 -8.99 -8.50 9.68
N GLY A 206 -8.01 -8.03 8.92
CA GLY A 206 -7.71 -6.62 8.89
C GLY A 206 -6.95 -6.18 10.13
N TYR A 207 -6.78 -4.85 10.21
CA TYR A 207 -5.99 -4.29 11.32
C TYR A 207 -6.65 -4.58 12.66
N PHE A 208 -7.98 -4.44 12.74
CA PHE A 208 -8.65 -4.59 14.03
C PHE A 208 -8.52 -6.01 14.57
N ALA A 209 -8.54 -7.01 13.68
CA ALA A 209 -8.30 -8.38 14.14
C ALA A 209 -6.90 -8.51 14.71
N LYS A 210 -5.91 -7.88 14.07
CA LYS A 210 -4.55 -7.91 14.61
C LYS A 210 -4.50 -7.25 15.98
N LYS A 211 -5.16 -6.10 16.14
CA LYS A 211 -5.17 -5.43 17.43
C LYS A 211 -5.81 -6.30 18.49
N ALA A 212 -6.93 -6.96 18.17
CA ALA A 212 -7.59 -7.83 19.14
C ALA A 212 -6.68 -8.99 19.52
N ALA A 213 -6.01 -9.60 18.54
CA ALA A 213 -5.10 -10.69 18.85
C ALA A 213 -3.83 -10.19 19.51
N ALA A 214 -3.25 -9.11 18.98
CA ALA A 214 -2.03 -8.55 19.54
C ALA A 214 -2.36 -7.61 20.69
N GLY A 215 -3.13 -8.10 21.65
CA GLY A 215 -3.55 -7.27 22.77
C GLY A 215 -4.38 -8.07 23.73
N GLU A 216 -4.86 -7.38 24.77
CA GLU A 216 -5.64 -8.04 25.81
C GLU A 216 -6.84 -8.75 25.21
N ARG A 217 -7.07 -9.98 25.64
CA ARG A 217 -8.15 -10.82 25.11
C ARG A 217 -9.17 -11.09 26.21
N GLY A 218 -10.44 -10.87 25.90
CA GLY A 218 -11.52 -11.19 26.79
C GLY A 218 -12.11 -12.57 26.50
N LYS A 219 -13.11 -12.94 27.32
CA LYS A 219 -13.77 -14.22 27.12
C LYS A 219 -14.53 -14.25 25.81
N ASN A 220 -15.22 -13.16 25.47
CA ASN A 220 -15.97 -13.07 24.21
C ASN A 220 -15.01 -12.71 23.07
N TYR A 221 -14.01 -13.57 22.89
CA TYR A 221 -12.98 -13.38 21.87
C TYR A 221 -13.13 -14.45 20.80
N LYS A 222 -13.23 -14.02 19.55
CA LYS A 222 -13.43 -14.91 18.42
C LYS A 222 -12.15 -15.00 17.62
N LYS A 223 -11.77 -16.22 17.24
CA LYS A 223 -10.54 -16.47 16.51
C LYS A 223 -10.81 -16.41 15.01
N LEU A 224 -9.94 -15.70 14.30
CA LEU A 224 -10.10 -15.54 12.86
C LEU A 224 -10.05 -16.90 12.16
N ASN A 225 -10.97 -17.13 11.24
CA ASN A 225 -11.03 -18.37 10.45
C ASN A 225 -10.98 -17.97 8.98
N GLN A 226 -9.78 -17.95 8.41
CA GLN A 226 -9.63 -17.51 7.03
C GLN A 226 -10.33 -18.42 6.04
N THR A 227 -10.66 -19.65 6.44
CA THR A 227 -11.24 -20.64 5.54
C THR A 227 -12.63 -21.08 5.98
N ALA A 228 -13.34 -20.25 6.74
CA ALA A 228 -14.71 -20.57 7.09
C ALA A 228 -15.56 -20.64 5.83
N ILE A 229 -16.40 -21.68 5.74
CA ILE A 229 -17.21 -21.91 4.55
C ILE A 229 -18.37 -20.92 4.57
N ILE A 230 -18.35 -19.96 3.64
CA ILE A 230 -19.40 -18.98 3.46
C ILE A 230 -20.12 -19.33 2.16
N PRO A 231 -21.40 -19.72 2.18
CA PRO A 231 -22.07 -20.06 0.94
C PRO A 231 -22.07 -18.86 0.00
N PRO A 232 -22.09 -19.10 -1.31
CA PRO A 232 -22.11 -17.98 -2.24
C PRO A 232 -23.32 -17.11 -1.99
N PRO A 233 -23.22 -15.80 -2.26
CA PRO A 233 -24.34 -14.91 -1.94
C PRO A 233 -25.67 -15.38 -2.51
N ARG A 234 -25.69 -15.89 -3.74
CA ARG A 234 -26.94 -16.38 -4.30
C ARG A 234 -27.49 -17.54 -3.48
N PHE A 235 -26.62 -18.32 -2.84
CA PHE A 235 -27.07 -19.36 -1.92
C PHE A 235 -27.23 -18.83 -0.50
N LEU A 236 -26.54 -17.74 -0.15
CA LEU A 236 -26.61 -17.23 1.22
C LEU A 236 -27.93 -16.52 1.48
N ILE A 237 -28.39 -15.71 0.52
CA ILE A 237 -29.60 -14.92 0.74
C ILE A 237 -30.89 -15.73 0.61
N ILE A 238 -30.81 -17.00 0.22
CA ILE A 238 -31.98 -17.86 0.13
C ILE A 238 -31.94 -18.96 1.20
N GLY A 239 -30.94 -18.94 2.07
CA GLY A 239 -30.83 -19.94 3.11
C GLY A 239 -30.23 -21.26 2.67
N HIS A 240 -29.86 -21.40 1.40
CA HIS A 240 -29.26 -22.63 0.92
C HIS A 240 -27.88 -22.82 1.54
N ARG A 241 -27.59 -24.05 1.96
CA ARG A 241 -26.32 -24.40 2.56
C ARG A 241 -25.47 -25.13 1.53
N LEU A 242 -24.23 -24.68 1.35
CA LEU A 242 -23.34 -25.32 0.40
C LEU A 242 -23.09 -26.77 0.80
N GLN A 243 -23.21 -27.68 -0.16
CA GLN A 243 -23.05 -29.10 0.10
C GLN A 243 -22.62 -29.78 -1.20
N ILE A 244 -22.69 -31.10 -1.23
CA ILE A 244 -22.28 -31.86 -2.40
C ILE A 244 -23.47 -32.06 -3.33
N GLY A 245 -23.26 -31.83 -4.61
CA GLY A 245 -24.28 -32.03 -5.61
C GLY A 245 -25.00 -30.79 -6.08
N ASP A 246 -24.52 -29.60 -5.70
CA ASP A 246 -25.12 -28.34 -6.11
C ASP A 246 -24.19 -27.63 -7.07
N GLN A 247 -24.73 -27.18 -8.20
CA GLN A 247 -23.92 -26.61 -9.26
C GLN A 247 -23.33 -25.27 -8.83
N VAL A 248 -22.02 -25.10 -9.02
CA VAL A 248 -21.31 -23.86 -8.71
C VAL A 248 -20.15 -23.73 -9.67
N THR A 249 -19.53 -22.55 -9.68
CA THR A 249 -18.35 -22.29 -10.50
C THR A 249 -17.10 -22.53 -9.67
N LEU A 250 -15.99 -22.78 -10.37
CA LEU A 250 -14.73 -23.06 -9.68
C LEU A 250 -14.31 -21.89 -8.80
N ARG A 251 -14.36 -20.68 -9.34
CA ARG A 251 -14.01 -19.51 -8.54
C ARG A 251 -14.99 -19.34 -7.39
N GLU A 252 -16.28 -19.60 -7.64
CA GLU A 252 -17.27 -19.52 -6.57
C GLU A 252 -16.91 -20.45 -5.43
N LEU A 253 -16.64 -21.73 -5.73
CA LEU A 253 -16.33 -22.68 -4.67
C LEU A 253 -15.03 -22.32 -3.97
N LEU A 254 -14.01 -21.93 -4.73
CA LEU A 254 -12.73 -21.62 -4.11
C LEU A 254 -12.83 -20.42 -3.18
N ALA A 255 -13.62 -19.42 -3.57
CA ALA A 255 -13.86 -18.29 -2.67
C ALA A 255 -14.69 -18.72 -1.47
N SER A 256 -15.62 -19.66 -1.67
CA SER A 256 -16.45 -20.11 -0.56
C SER A 256 -15.63 -20.83 0.50
N ILE A 257 -14.70 -21.68 0.10
CA ILE A 257 -13.99 -22.53 1.06
C ILE A 257 -12.56 -22.07 1.35
N ALA A 258 -12.03 -21.13 0.59
CA ALA A 258 -10.64 -20.70 0.78
C ALA A 258 -10.47 -19.34 0.11
N TRP A 259 -9.22 -18.89 -0.01
CA TRP A 259 -8.94 -17.62 -0.66
C TRP A 259 -7.69 -17.80 -1.54
N GLY A 260 -7.14 -16.68 -1.99
CA GLY A 260 -6.16 -16.73 -3.07
C GLY A 260 -4.90 -17.49 -2.71
N LEU A 261 -4.37 -17.27 -1.51
CA LEU A 261 -3.06 -17.79 -1.14
C LEU A 261 -3.13 -19.14 -0.44
N CYS A 262 -4.30 -19.73 -0.29
CA CYS A 262 -4.37 -21.10 0.22
C CYS A 262 -3.84 -22.07 -0.83
N ASP A 263 -3.52 -23.28 -0.39
CA ASP A 263 -2.95 -24.26 -1.31
C ASP A 263 -3.94 -24.59 -2.42
N GLY A 264 -3.41 -25.04 -3.54
CA GLY A 264 -4.23 -25.35 -4.70
C GLY A 264 -4.95 -26.67 -4.64
N VAL A 265 -4.59 -27.54 -3.69
CA VAL A 265 -5.22 -28.85 -3.63
C VAL A 265 -6.73 -28.73 -3.45
N LEU A 266 -7.18 -27.64 -2.83
CA LEU A 266 -8.61 -27.46 -2.61
C LEU A 266 -9.40 -27.45 -3.91
N ALA A 267 -8.75 -27.16 -5.04
CA ALA A 267 -9.45 -27.18 -6.30
C ALA A 267 -10.00 -28.56 -6.62
N GLU A 268 -9.50 -29.61 -5.96
CA GLU A 268 -10.03 -30.95 -6.14
C GLU A 268 -11.45 -31.11 -5.61
N CYS A 269 -11.95 -30.15 -4.82
CA CYS A 269 -13.31 -30.22 -4.34
C CYS A 269 -14.35 -29.96 -5.42
N TRP A 270 -13.93 -29.52 -6.61
CA TRP A 270 -14.85 -29.19 -7.69
C TRP A 270 -14.58 -30.11 -8.87
N SER A 271 -15.64 -30.40 -9.63
CA SER A 271 -15.51 -31.22 -10.82
C SER A 271 -16.33 -30.60 -11.96
N PRO A 272 -15.71 -30.28 -13.10
CA PRO A 272 -16.47 -29.65 -14.18
C PRO A 272 -17.54 -30.58 -14.73
N SER A 273 -18.62 -29.99 -15.23
CA SER A 273 -19.72 -30.74 -15.78
C SER A 273 -19.45 -31.04 -17.26
N GLN A 274 -20.36 -31.79 -17.87
CA GLN A 274 -20.23 -32.13 -19.28
C GLN A 274 -20.18 -30.87 -20.12
N GLY A 275 -19.14 -30.76 -20.95
CA GLY A 275 -18.96 -29.58 -21.77
C GLY A 275 -18.37 -28.38 -21.04
N ASP A 276 -18.02 -28.53 -19.76
CA ASP A 276 -17.46 -27.44 -18.98
C ASP A 276 -18.44 -26.26 -18.94
N GLY A 277 -18.23 -25.26 -19.80
CA GLY A 277 -19.08 -24.10 -19.79
C GLY A 277 -18.92 -23.22 -18.57
N SER A 278 -17.84 -23.38 -17.82
CA SER A 278 -17.52 -22.63 -16.61
C SER A 278 -18.42 -23.01 -15.44
N ILE A 279 -19.28 -24.02 -15.58
CA ILE A 279 -20.15 -24.47 -14.50
C ILE A 279 -19.91 -25.96 -14.30
N GLY A 280 -19.63 -26.33 -13.05
CA GLY A 280 -19.41 -27.72 -12.69
C GLY A 280 -20.29 -28.11 -11.52
N VAL A 281 -19.71 -28.88 -10.59
CA VAL A 281 -20.45 -29.35 -9.44
C VAL A 281 -19.46 -29.58 -8.29
N VAL A 282 -19.95 -29.39 -7.08
CA VAL A 282 -19.15 -29.65 -5.88
C VAL A 282 -19.21 -31.14 -5.57
N VAL A 283 -18.05 -31.74 -5.32
CA VAL A 283 -17.97 -33.15 -4.96
C VAL A 283 -17.53 -33.37 -3.53
N GLY A 284 -17.09 -32.33 -2.83
CA GLY A 284 -16.67 -32.48 -1.45
C GLY A 284 -16.35 -31.12 -0.86
N LEU A 285 -16.12 -31.12 0.45
CA LEU A 285 -15.79 -29.90 1.17
C LEU A 285 -14.70 -30.23 2.17
N PRO A 286 -13.64 -29.44 2.24
CA PRO A 286 -12.52 -29.79 3.13
C PRO A 286 -12.92 -29.75 4.60
N LEU A 287 -12.25 -30.59 5.38
CA LEU A 287 -12.47 -30.67 6.82
C LEU A 287 -11.43 -29.85 7.56
N GLN A 288 -11.66 -29.66 8.86
CA GLN A 288 -10.78 -28.89 9.73
C GLN A 288 -10.66 -27.44 9.28
N ALA A 289 -11.66 -26.92 8.57
CA ALA A 289 -11.62 -25.56 8.05
C ALA A 289 -11.41 -24.55 9.17
N THR A 316 10.45 -32.91 1.25
CA THR A 316 9.80 -34.16 0.89
C THR A 316 8.58 -34.40 1.76
N ASN A 317 8.80 -34.49 3.08
CA ASN A 317 7.69 -34.73 4.00
C ASN A 317 6.71 -33.56 3.98
N LEU A 318 7.20 -32.34 3.90
CA LEU A 318 6.33 -31.18 3.91
C LEU A 318 5.36 -31.22 2.73
N LEU A 319 5.86 -31.52 1.53
CA LEU A 319 4.99 -31.67 0.37
C LEU A 319 4.13 -32.93 0.43
N GLU A 320 4.39 -33.83 1.39
CA GLU A 320 3.58 -35.02 1.53
C GLU A 320 2.31 -34.78 2.34
N GLU A 321 2.21 -33.65 3.03
CA GLU A 321 1.03 -33.37 3.86
C GLU A 321 -0.23 -33.39 3.01
N CYS A 322 -1.28 -33.99 3.56
CA CYS A 322 -2.53 -34.19 2.84
C CYS A 322 -3.66 -33.46 3.54
N ILE A 323 -4.63 -33.02 2.75
CA ILE A 323 -5.85 -32.43 3.27
C ILE A 323 -6.94 -33.49 3.26
N ALA A 324 -7.99 -33.25 4.05
CA ALA A 324 -9.12 -34.16 4.13
C ALA A 324 -10.30 -33.56 3.37
N ILE A 325 -10.90 -34.36 2.50
CA ILE A 325 -12.04 -33.96 1.69
C ILE A 325 -13.20 -34.88 2.02
N GLN A 326 -14.33 -34.30 2.39
CA GLN A 326 -15.53 -35.06 2.72
C GLN A 326 -16.30 -35.29 1.42
N LYS A 327 -16.16 -36.50 0.86
CA LYS A 327 -16.83 -36.85 -0.37
C LYS A 327 -18.17 -37.51 -0.07
N GLN A 328 -18.89 -37.87 -1.13
CA GLN A 328 -20.18 -38.53 -0.95
C GLN A 328 -20.02 -39.87 -0.24
N ASP A 329 -18.98 -40.63 -0.60
CA ASP A 329 -18.75 -41.92 0.05
C ASP A 329 -18.17 -41.74 1.45
N GLY A 330 -17.02 -41.10 1.55
CA GLY A 330 -16.39 -40.90 2.84
C GLY A 330 -15.17 -40.00 2.71
N VAL A 331 -14.59 -39.67 3.87
CA VAL A 331 -13.44 -38.79 3.90
C VAL A 331 -12.29 -39.42 3.12
N ILE A 332 -11.60 -38.59 2.34
CA ILE A 332 -10.43 -39.03 1.59
C ILE A 332 -9.28 -38.06 1.83
N LYS A 333 -8.06 -38.57 1.73
CA LYS A 333 -6.86 -37.77 1.89
C LYS A 333 -6.33 -37.40 0.51
N CYS A 334 -6.18 -36.11 0.26
CA CYS A 334 -5.69 -35.61 -1.02
C CYS A 334 -4.37 -34.91 -0.81
N LYS A 335 -3.35 -35.32 -1.57
CA LYS A 335 -2.02 -34.74 -1.42
C LYS A 335 -2.05 -33.26 -1.76
N ARG A 336 -1.31 -32.47 -0.98
CA ARG A 336 -1.21 -31.05 -1.24
C ARG A 336 -0.39 -30.80 -2.50
N SER A 337 -0.74 -29.74 -3.21
CA SER A 337 -0.04 -29.39 -4.45
C SER A 337 1.14 -28.46 -4.21
N GLY A 338 1.10 -27.66 -3.14
CA GLY A 338 2.18 -26.76 -2.84
C GLY A 338 2.18 -25.46 -3.63
N LYS A 339 1.20 -25.25 -4.50
CA LYS A 339 1.09 -24.05 -5.31
C LYS A 339 -0.16 -23.28 -4.91
N SER A 340 -0.02 -21.96 -4.79
CA SER A 340 -1.14 -21.13 -4.38
C SER A 340 -2.26 -21.20 -5.39
N LEU A 341 -3.50 -21.11 -4.89
CA LEU A 341 -4.66 -21.13 -5.78
C LEU A 341 -4.56 -20.03 -6.82
N TYR A 342 -4.08 -18.85 -6.43
CA TYR A 342 -3.88 -17.77 -7.38
C TYR A 342 -2.90 -18.18 -8.47
N HIS A 343 -1.75 -18.73 -8.07
CA HIS A 343 -0.75 -19.16 -9.04
C HIS A 343 -1.27 -20.29 -9.91
N CYS A 344 -1.97 -21.27 -9.31
CA CYS A 344 -2.48 -22.39 -10.09
C CYS A 344 -3.50 -21.92 -11.12
N LEU A 345 -4.40 -21.01 -10.72
CA LEU A 345 -5.38 -20.49 -11.66
C LEU A 345 -4.71 -19.68 -12.76
N LYS A 346 -3.69 -18.88 -12.41
CA LYS A 346 -2.98 -18.13 -13.42
C LYS A 346 -2.32 -19.06 -14.42
N GLU A 347 -1.69 -20.13 -13.94
CA GLU A 347 -1.03 -21.07 -14.84
C GLU A 347 -2.04 -21.78 -15.74
N THR A 348 -3.17 -22.22 -15.18
CA THR A 348 -4.16 -22.96 -15.94
C THR A 348 -5.02 -22.06 -16.81
N ALA A 349 -4.91 -20.73 -16.67
CA ALA A 349 -5.70 -19.83 -17.50
C ALA A 349 -5.35 -19.95 -18.98
N GLY A 350 -4.15 -20.42 -19.29
CA GLY A 350 -3.73 -20.57 -20.67
C GLY A 350 -2.22 -20.67 -20.83
N GLU B 34 13.38 26.21 -22.53
CA GLU B 34 14.58 25.38 -22.66
C GLU B 34 14.57 24.26 -21.63
N LEU B 35 13.93 24.51 -20.49
CA LEU B 35 13.84 23.56 -19.39
C LEU B 35 12.41 23.53 -18.87
N PRO B 36 11.99 22.43 -18.27
CA PRO B 36 10.69 22.41 -17.60
C PRO B 36 10.64 23.45 -16.48
N ARG B 37 9.44 23.66 -15.95
CA ARG B 37 9.25 24.65 -14.91
C ARG B 37 10.01 24.28 -13.64
N ASN B 38 9.99 23.00 -13.27
CA ASN B 38 10.63 22.59 -12.02
C ASN B 38 12.13 22.84 -12.06
N LEU B 39 12.78 22.37 -13.13
CA LEU B 39 14.23 22.54 -13.23
C LEU B 39 14.61 24.01 -13.30
N GLU B 40 13.85 24.80 -14.06
CA GLU B 40 14.14 26.23 -14.16
C GLU B 40 13.99 26.91 -12.81
N VAL B 41 12.95 26.58 -12.06
CA VAL B 41 12.73 27.24 -10.78
C VAL B 41 13.80 26.83 -9.78
N PHE B 42 14.21 25.55 -9.80
CA PHE B 42 15.30 25.14 -8.91
C PHE B 42 16.59 25.85 -9.26
N ASN B 43 16.91 25.96 -10.55
CA ASN B 43 18.11 26.69 -10.95
C ASN B 43 18.04 28.13 -10.52
N GLU B 44 16.89 28.79 -10.72
CA GLU B 44 16.76 30.18 -10.31
C GLU B 44 16.95 30.33 -8.81
N ALA B 45 16.31 29.46 -8.03
CA ALA B 45 16.41 29.55 -6.58
C ALA B 45 17.84 29.36 -6.10
N CYS B 46 18.49 28.30 -6.58
CA CYS B 46 19.85 28.03 -6.15
C CYS B 46 20.79 29.16 -6.56
N GLY B 47 20.66 29.66 -7.79
CA GLY B 47 21.51 30.75 -8.23
C GLY B 47 21.31 32.00 -7.38
N HIS B 48 20.05 32.39 -7.18
CA HIS B 48 19.77 33.59 -6.40
C HIS B 48 20.31 33.45 -4.97
N VAL B 49 20.11 32.29 -4.35
CA VAL B 49 20.53 32.12 -2.96
C VAL B 49 22.04 32.08 -2.84
N PHE B 50 22.73 31.42 -3.78
CA PHE B 50 24.13 31.06 -3.61
C PHE B 50 25.09 31.83 -4.51
N GLY B 51 24.62 32.81 -5.29
CA GLY B 51 25.58 33.54 -6.10
C GLY B 51 26.26 32.64 -7.11
N SER B 52 27.50 33.00 -7.45
CA SER B 52 28.30 32.20 -8.36
C SER B 52 28.96 31.01 -7.69
N SER B 53 28.92 30.93 -6.36
CA SER B 53 29.58 29.84 -5.65
C SER B 53 28.96 28.48 -5.97
N PHE B 54 27.72 28.46 -6.43
CA PHE B 54 27.03 27.21 -6.73
C PHE B 54 27.65 26.56 -7.96
N ASN B 55 28.40 25.49 -7.74
CA ASN B 55 28.99 24.74 -8.84
C ASN B 55 27.96 23.76 -9.41
N ARG B 56 27.68 23.87 -10.70
CA ARG B 56 26.60 23.11 -11.32
C ARG B 56 27.01 21.71 -11.75
N GLU B 57 28.29 21.35 -11.61
CA GLU B 57 28.78 20.06 -12.08
C GLU B 57 29.36 19.20 -10.96
N ASP B 58 29.02 19.50 -9.71
CA ASP B 58 29.47 18.70 -8.56
C ASP B 58 28.25 18.14 -7.85
N ASN B 59 28.20 16.82 -7.72
CA ASN B 59 27.04 16.19 -7.09
C ASN B 59 26.91 16.60 -5.63
N SER B 60 28.02 16.66 -4.90
CA SER B 60 27.97 17.03 -3.49
C SER B 60 27.49 18.47 -3.32
N VAL B 61 27.97 19.38 -4.18
CA VAL B 61 27.53 20.77 -4.09
C VAL B 61 26.04 20.88 -4.34
N ILE B 62 25.55 20.19 -5.37
CA ILE B 62 24.12 20.27 -5.68
C ILE B 62 23.31 19.66 -4.54
N SER B 63 23.80 18.59 -3.93
CA SER B 63 23.08 17.99 -2.80
C SER B 63 23.04 18.96 -1.62
N ASP B 64 24.15 19.63 -1.32
CA ASP B 64 24.15 20.60 -0.23
C ASP B 64 23.21 21.76 -0.51
N ALA B 65 23.23 22.27 -1.75
CA ALA B 65 22.33 23.37 -2.09
C ALA B 65 20.87 22.94 -2.00
N ALA B 66 20.56 21.73 -2.47
CA ALA B 66 19.19 21.23 -2.39
C ALA B 66 18.76 21.07 -0.94
N ALA B 67 19.66 20.56 -0.08
CA ALA B 67 19.32 20.44 1.33
C ALA B 67 19.06 21.80 1.95
N PHE B 68 19.89 22.79 1.63
CA PHE B 68 19.68 24.13 2.19
C PHE B 68 18.36 24.72 1.72
N LEU B 69 18.04 24.58 0.43
CA LEU B 69 16.78 25.12 -0.07
C LEU B 69 15.59 24.40 0.55
N PHE B 70 15.71 23.08 0.77
CA PHE B 70 14.64 22.35 1.42
C PHE B 70 14.46 22.83 2.85
N LYS B 71 15.55 23.10 3.57
CA LYS B 71 15.43 23.66 4.90
C LYS B 71 14.74 25.03 4.85
N MET B 72 15.14 25.86 3.89
CA MET B 72 14.57 27.20 3.78
C MET B 72 13.07 27.13 3.54
N HIS B 73 12.64 26.33 2.56
CA HIS B 73 11.23 26.27 2.21
C HIS B 73 10.39 25.53 3.23
N THR B 74 11.01 24.83 4.18
CA THR B 74 10.29 24.16 5.26
C THR B 74 10.35 24.94 6.56
N HIS B 75 10.91 26.15 6.56
CA HIS B 75 11.00 26.99 7.75
C HIS B 75 11.75 26.30 8.87
N SER B 76 12.70 25.45 8.52
CA SER B 76 13.54 24.78 9.51
C SER B 76 14.82 25.53 9.80
N LEU B 77 15.07 26.65 9.14
CA LEU B 77 16.25 27.47 9.44
C LEU B 77 15.96 28.38 10.63
N ASP B 78 17.04 29.01 11.13
CA ASP B 78 16.91 29.90 12.26
C ASP B 78 16.20 31.18 11.86
N GLY B 79 15.34 31.67 12.74
CA GLY B 79 14.68 32.95 12.54
C GLY B 79 13.42 32.91 11.71
N GLN B 80 12.90 31.73 11.39
CA GLN B 80 11.69 31.61 10.59
C GLN B 80 10.49 31.33 11.48
N GLU B 81 9.32 31.20 10.86
CA GLU B 81 8.09 31.01 11.62
C GLU B 81 8.16 29.75 12.45
N ALA B 82 7.48 29.78 13.59
CA ALA B 82 7.45 28.64 14.51
C ALA B 82 6.20 27.80 14.25
N LYS B 83 6.39 26.49 14.10
CA LYS B 83 5.30 25.56 13.87
C LYS B 83 4.72 25.17 15.23
N VAL B 84 3.56 25.75 15.57
CA VAL B 84 2.98 25.60 16.89
C VAL B 84 1.52 25.18 16.85
N LEU B 85 0.99 24.80 15.68
CA LEU B 85 -0.42 24.48 15.56
C LEU B 85 -0.84 23.43 16.59
N ARG B 86 -0.24 22.24 16.49
CA ARG B 86 -0.49 21.16 17.44
C ARG B 86 0.81 20.70 18.08
N ALA B 87 1.79 21.59 18.16
CA ALA B 87 3.10 21.24 18.72
C ALA B 87 2.99 20.93 20.20
N SER B 88 3.69 19.90 20.64
CA SER B 88 3.82 19.63 22.06
C SER B 88 4.70 20.68 22.72
N GLU B 89 4.61 20.76 24.05
CA GLU B 89 5.36 21.79 24.78
C GLU B 89 6.84 21.72 24.43
N LYS B 90 7.38 20.51 24.26
CA LYS B 90 8.76 20.38 23.82
C LYS B 90 8.93 20.90 22.40
N LYS B 91 8.02 20.54 21.50
CA LYS B 91 8.06 21.07 20.14
C LYS B 91 7.88 22.58 20.14
N ARG B 92 6.96 23.09 20.98
CA ARG B 92 6.76 24.53 21.07
C ARG B 92 8.04 25.22 21.51
N GLU B 93 8.72 24.66 22.53
CA GLU B 93 9.96 25.27 23.00
C GLU B 93 11.03 25.24 21.92
N ARG B 94 11.15 24.12 21.21
CA ARG B 94 12.16 24.03 20.16
C ARG B 94 11.91 25.07 19.07
N GLU B 95 10.66 25.16 18.61
CA GLU B 95 10.34 26.11 17.55
C GLU B 95 10.53 27.55 18.01
N ASN B 96 10.14 27.85 19.27
CA ASN B 96 10.32 29.20 19.78
C ASN B 96 11.80 29.55 19.90
N ALA B 97 12.63 28.60 20.34
CA ALA B 97 14.06 28.85 20.40
C ALA B 97 14.63 29.08 19.01
N LYS B 98 14.16 28.31 18.02
CA LYS B 98 14.59 28.54 16.65
C LYS B 98 14.21 29.94 16.19
N LYS B 99 12.98 30.36 16.48
CA LYS B 99 12.53 31.68 16.07
C LYS B 99 13.37 32.78 16.72
N SER B 100 13.63 32.65 18.02
CA SER B 100 14.42 33.66 18.71
C SER B 100 15.87 33.67 18.23
N ARG B 101 16.38 32.52 17.80
CA ARG B 101 17.75 32.46 17.32
C ARG B 101 17.92 33.32 16.07
N LYS B 102 19.09 33.93 15.95
CA LYS B 102 19.38 34.77 14.79
C LYS B 102 19.42 33.93 13.52
N ALA B 103 18.87 34.47 12.45
CA ALA B 103 18.90 33.79 11.16
C ALA B 103 20.32 33.79 10.62
N PRO B 104 20.63 32.87 9.70
CA PRO B 104 21.99 32.81 9.15
C PRO B 104 22.38 34.14 8.52
N GLU B 105 23.63 34.53 8.73
CA GLU B 105 24.14 35.80 8.22
C GLU B 105 24.72 35.62 6.83
N ALA B 106 24.69 36.70 6.06
CA ALA B 106 25.20 36.66 4.69
C ALA B 106 26.67 36.30 4.68
N GLY B 107 27.07 35.51 3.69
CA GLY B 107 28.43 35.03 3.57
C GLY B 107 28.73 33.78 4.37
N MET B 108 27.73 33.21 5.06
CA MET B 108 27.96 32.00 5.84
C MET B 108 28.33 30.85 4.92
N ARG B 109 29.20 29.97 5.42
CA ARG B 109 29.65 28.82 4.65
C ARG B 109 28.61 27.70 4.74
N VAL B 110 28.10 27.29 3.59
CA VAL B 110 27.14 26.18 3.51
C VAL B 110 27.90 24.96 3.04
N GLY B 111 27.88 23.91 3.87
CA GLY B 111 28.60 22.70 3.54
C GLY B 111 30.09 22.93 3.39
N ARG B 112 30.61 22.77 2.17
CA ARG B 112 32.03 22.95 1.89
C ARG B 112 32.30 24.10 0.94
N SER B 113 31.64 24.13 -0.22
CA SER B 113 31.94 25.09 -1.27
C SER B 113 30.69 25.84 -1.70
N LEU B 114 29.83 26.19 -0.74
CA LEU B 114 28.64 26.98 -1.00
C LEU B 114 28.59 28.11 0.02
N ILE B 115 28.51 29.35 -0.47
CA ILE B 115 28.50 30.53 0.38
C ILE B 115 27.26 31.34 0.07
N LEU B 116 26.50 31.70 1.10
CA LEU B 116 25.29 32.48 0.91
C LEU B 116 25.63 33.90 0.47
N THR B 117 24.75 34.47 -0.34
CA THR B 117 24.87 35.86 -0.75
C THR B 117 24.05 36.75 0.16
N SER B 118 24.30 38.07 0.06
CA SER B 118 23.55 39.03 0.83
C SER B 118 22.08 39.14 0.39
N ARG B 119 21.74 38.58 -0.76
CA ARG B 119 20.40 38.71 -1.32
C ARG B 119 19.56 37.44 -1.15
N TRP B 120 19.99 36.53 -0.28
CA TRP B 120 19.19 35.34 0.00
C TRP B 120 17.99 35.66 0.88
N THR B 121 18.11 36.66 1.77
CA THR B 121 16.99 37.03 2.62
C THR B 121 15.82 37.54 1.79
N GLU B 122 16.11 38.29 0.73
CA GLU B 122 15.04 38.78 -0.13
C GLU B 122 14.26 37.62 -0.75
N TYR B 123 14.97 36.64 -1.29
CA TYR B 123 14.31 35.49 -1.89
C TYR B 123 13.52 34.71 -0.84
N CYS B 124 14.11 34.51 0.35
CA CYS B 124 13.42 33.77 1.39
C CYS B 124 12.13 34.48 1.79
N ALA B 125 12.15 35.81 1.85
CA ALA B 125 10.95 36.54 2.23
C ALA B 125 9.93 36.58 1.09
N THR B 126 10.38 36.54 -0.16
CA THR B 126 9.48 36.72 -1.30
C THR B 126 8.86 35.40 -1.76
N CYS B 127 9.69 34.41 -2.10
CA CYS B 127 9.23 33.21 -2.77
C CYS B 127 8.84 32.08 -1.82
N VAL B 128 9.04 32.25 -0.52
CA VAL B 128 8.68 31.23 0.47
C VAL B 128 7.23 31.49 0.90
N PRO B 129 6.30 30.57 0.66
CA PRO B 129 4.93 30.78 1.15
C PRO B 129 4.91 30.92 2.67
N ALA B 130 4.06 31.81 3.15
CA ALA B 130 3.95 32.01 4.59
C ALA B 130 3.49 30.72 5.26
N LEU B 131 3.94 30.53 6.49
CA LEU B 131 3.66 29.28 7.20
C LEU B 131 2.15 29.03 7.25
N GLY B 132 1.77 27.79 6.97
CA GLY B 132 0.37 27.41 6.92
C GLY B 132 -0.32 27.66 5.59
N SER B 133 0.41 28.13 4.59
CA SER B 133 -0.21 28.42 3.30
C SER B 133 -0.76 27.14 2.68
N LYS B 134 -1.94 27.26 2.07
CA LYS B 134 -2.61 26.14 1.43
C LYS B 134 -3.00 26.53 0.01
N MET B 135 -2.93 25.55 -0.90
CA MET B 135 -3.21 25.83 -2.30
C MET B 135 -4.66 26.27 -2.51
N LYS B 136 -5.59 25.64 -1.79
CA LYS B 136 -7.01 25.97 -1.96
C LYS B 136 -7.29 27.42 -1.60
N VAL B 137 -6.69 27.90 -0.50
CA VAL B 137 -6.93 29.28 -0.07
C VAL B 137 -6.44 30.26 -1.13
N ILE B 138 -5.25 30.02 -1.67
CA ILE B 138 -4.70 30.94 -2.67
C ILE B 138 -5.54 30.87 -3.95
N LYS B 139 -6.00 29.68 -4.32
CA LYS B 139 -6.88 29.55 -5.48
C LYS B 139 -8.16 30.35 -5.27
N ALA B 140 -8.73 30.29 -4.07
CA ALA B 140 -9.89 31.12 -3.75
C ALA B 140 -9.55 32.60 -3.84
N SER B 141 -8.32 32.97 -3.46
CA SER B 141 -7.91 34.36 -3.53
C SER B 141 -7.93 34.86 -4.97
N GLY B 142 -7.48 34.04 -5.91
CA GLY B 142 -7.52 34.40 -7.31
C GLY B 142 -6.34 35.19 -7.82
N ASP B 143 -5.30 35.39 -7.01
CA ASP B 143 -4.11 36.10 -7.45
C ASP B 143 -3.20 35.15 -8.22
N ALA B 144 -3.01 35.42 -9.51
CA ALA B 144 -2.20 34.54 -10.34
C ALA B 144 -0.76 34.47 -9.85
N ALA B 145 -0.22 35.60 -9.37
CA ALA B 145 1.15 35.61 -8.89
C ALA B 145 1.34 34.66 -7.70
N MET B 146 0.39 34.67 -6.78
CA MET B 146 0.50 33.79 -5.62
C MET B 146 0.32 32.33 -6.01
N ILE B 147 -0.55 32.05 -6.99
CA ILE B 147 -0.69 30.69 -7.48
C ILE B 147 0.63 30.22 -8.07
N GLN B 148 1.26 31.06 -8.89
CA GLN B 148 2.55 30.71 -9.47
C GLN B 148 3.59 30.48 -8.38
N MET B 149 3.60 31.33 -7.35
CA MET B 149 4.58 31.18 -6.28
C MET B 149 4.35 29.88 -5.51
N MET B 150 3.10 29.51 -5.27
CA MET B 150 2.81 28.26 -4.58
C MET B 150 3.22 27.06 -5.42
N LYS B 151 2.93 27.09 -6.72
CA LYS B 151 3.35 26.01 -7.61
C LYS B 151 4.87 25.90 -7.64
N ASP B 152 5.56 27.05 -7.67
CA ASP B 152 7.01 27.04 -7.64
C ASP B 152 7.53 26.44 -6.33
N HIS B 153 6.90 26.79 -5.22
CA HIS B 153 7.32 26.21 -3.93
C HIS B 153 7.14 24.70 -3.95
N ASN B 154 6.01 24.21 -4.45
CA ASN B 154 5.79 22.77 -4.50
C ASN B 154 6.82 22.08 -5.38
N SER B 155 7.08 22.65 -6.56
CA SER B 155 8.04 22.04 -7.47
C SER B 155 9.43 22.02 -6.87
N LEU B 156 9.82 23.12 -6.21
CA LEU B 156 11.13 23.17 -5.58
C LEU B 156 11.24 22.13 -4.47
N LEU B 157 10.18 21.96 -3.69
CA LEU B 157 10.19 20.91 -2.67
C LEU B 157 10.38 19.54 -3.31
N ARG B 158 9.67 19.28 -4.41
CA ARG B 158 9.79 17.98 -5.07
C ARG B 158 11.22 17.73 -5.56
N VAL B 159 11.81 18.73 -6.22
CA VAL B 159 13.16 18.57 -6.76
C VAL B 159 14.16 18.38 -5.62
N CYS B 160 14.06 19.19 -4.58
CA CYS B 160 15.00 19.08 -3.46
C CYS B 160 14.88 17.73 -2.78
N VAL B 161 13.65 17.20 -2.68
CA VAL B 161 13.47 15.90 -2.06
C VAL B 161 14.07 14.80 -2.92
N ARG B 162 13.91 14.90 -4.24
CA ARG B 162 14.53 13.91 -5.12
C ARG B 162 16.04 13.91 -4.96
N ILE B 163 16.64 15.10 -4.94
CA ILE B 163 18.09 15.20 -4.78
C ILE B 163 18.51 14.64 -3.43
N GLU B 164 17.72 14.92 -2.38
CA GLU B 164 18.03 14.40 -1.06
C GLU B 164 18.01 12.88 -1.05
N VAL B 165 17.02 12.28 -1.71
CA VAL B 165 16.95 10.81 -1.75
C VAL B 165 18.16 10.23 -2.47
N TRP B 166 18.53 10.83 -3.61
CA TRP B 166 19.68 10.32 -4.33
C TRP B 166 20.95 10.43 -3.49
N LYS B 167 21.14 11.56 -2.80
CA LYS B 167 22.32 11.68 -1.96
C LYS B 167 22.26 10.71 -0.79
N ALA B 168 21.07 10.39 -0.30
CA ALA B 168 20.95 9.38 0.74
C ALA B 168 21.47 8.04 0.25
N ARG B 169 21.07 7.62 -0.95
CA ARG B 169 21.58 6.36 -1.50
C ARG B 169 23.09 6.43 -1.71
N TYR B 170 23.57 7.54 -2.28
CA TYR B 170 25.01 7.66 -2.54
C TYR B 170 25.81 7.58 -1.25
N VAL B 171 25.33 8.20 -0.18
CA VAL B 171 25.98 8.06 1.12
C VAL B 171 25.92 6.61 1.58
N SER B 172 24.76 5.96 1.44
CA SER B 172 24.62 4.59 1.89
C SER B 172 25.54 3.64 1.14
N LEU B 173 26.05 4.03 -0.02
CA LEU B 173 26.92 3.12 -0.76
C LEU B 173 28.18 2.76 0.04
N VAL B 174 28.79 3.75 0.70
CA VAL B 174 30.07 3.52 1.37
C VAL B 174 30.01 3.97 2.83
N ALA B 175 28.79 4.12 3.37
CA ALA B 175 28.63 4.44 4.79
C ALA B 175 27.30 3.83 5.23
N LEU B 176 27.37 2.68 5.90
CA LEU B 176 26.17 2.02 6.36
C LEU B 176 25.44 2.87 7.39
N ASP B 177 24.12 2.75 7.39
CA ASP B 177 23.27 3.45 8.37
C ASP B 177 23.06 2.54 9.57
N GLU B 178 23.43 3.02 10.76
CA GLU B 178 23.32 2.19 11.95
C GLU B 178 21.88 1.78 12.23
N ARG B 179 20.92 2.62 11.83
CA ARG B 179 19.52 2.32 12.11
C ARG B 179 19.03 1.07 11.39
N ILE B 180 19.78 0.59 10.40
CA ILE B 180 19.38 -0.57 9.61
C ILE B 180 20.15 -1.79 10.13
N GLN B 181 19.40 -2.79 10.61
CA GLN B 181 20.00 -4.03 11.08
C GLN B 181 19.28 -5.28 10.58
N THR B 182 18.09 -5.17 10.00
CA THR B 182 17.36 -6.31 9.48
C THR B 182 16.69 -5.91 8.18
N LEU B 183 16.24 -6.91 7.42
CA LEU B 183 15.56 -6.62 6.16
C LEU B 183 14.34 -5.74 6.37
N GLU B 184 13.65 -5.88 7.51
CA GLU B 184 12.50 -5.04 7.78
C GLU B 184 12.91 -3.57 7.88
N ASP B 185 14.01 -3.29 8.58
CA ASP B 185 14.48 -1.90 8.68
C ASP B 185 14.91 -1.38 7.32
N ALA B 186 15.64 -2.18 6.55
CA ALA B 186 16.09 -1.76 5.23
C ALA B 186 14.94 -1.59 4.25
N GLN B 187 13.78 -2.20 4.53
CA GLN B 187 12.66 -2.11 3.61
C GLN B 187 12.15 -0.68 3.44
N TRP B 188 12.39 0.19 4.42
CA TRP B 188 11.84 1.54 4.40
C TRP B 188 12.91 2.59 4.10
N PHE B 189 14.05 2.18 3.57
CA PHE B 189 15.08 3.14 3.21
C PHE B 189 14.61 4.00 2.04
N PRO B 190 14.96 5.30 2.01
CA PRO B 190 15.70 6.07 3.02
C PRO B 190 14.82 6.56 4.15
N TYR B 191 15.43 6.93 5.28
CA TYR B 191 14.72 7.46 6.43
C TYR B 191 14.84 8.99 6.40
N LEU B 192 13.76 9.66 6.00
CA LEU B 192 13.73 11.10 5.84
C LEU B 192 12.54 11.68 6.60
N SER B 193 12.52 13.01 6.68
CA SER B 193 11.52 13.71 7.48
C SER B 193 10.15 13.61 6.83
N GLY B 194 9.14 14.11 7.55
CA GLY B 194 7.78 14.08 7.04
C GLY B 194 7.58 14.94 5.81
N ASP B 195 8.27 16.08 5.74
CA ASP B 195 8.14 16.95 4.59
C ASP B 195 8.60 16.25 3.31
N SER B 196 9.71 15.49 3.41
CA SER B 196 10.18 14.75 2.26
C SER B 196 9.15 13.74 1.78
N TYR B 197 8.52 13.02 2.70
CA TYR B 197 7.50 12.06 2.30
C TYR B 197 6.30 12.77 1.68
N ARG B 198 5.92 13.92 2.23
CA ARG B 198 4.79 14.66 1.68
C ARG B 198 5.07 15.11 0.26
N ALA B 199 6.29 15.60 0.00
CA ALA B 199 6.61 16.11 -1.33
C ALA B 199 6.68 14.99 -2.36
N CYS B 200 7.42 13.92 -2.05
CA CYS B 200 7.65 12.82 -2.98
C CYS B 200 7.35 11.50 -2.29
N PRO B 201 6.08 11.14 -2.15
CA PRO B 201 5.75 9.89 -1.44
C PRO B 201 6.34 8.64 -2.08
N GLY B 202 6.48 8.62 -3.40
CA GLY B 202 6.92 7.41 -4.07
C GLY B 202 8.40 7.11 -3.98
N LEU B 203 9.21 8.06 -3.51
CA LEU B 203 10.66 7.88 -3.43
C LEU B 203 11.21 7.92 -2.02
N VAL B 204 10.47 8.47 -1.06
CA VAL B 204 10.97 8.71 0.29
C VAL B 204 10.34 7.68 1.24
N GLY B 205 11.19 7.00 1.99
CA GLY B 205 10.76 6.09 3.03
C GLY B 205 10.68 6.79 4.38
N GLY B 206 10.96 6.03 5.43
CA GLY B 206 10.97 6.57 6.77
C GLY B 206 9.72 6.23 7.55
N TYR B 207 9.60 6.88 8.71
CA TYR B 207 8.50 6.57 9.62
C TYR B 207 7.16 6.85 8.96
N PHE B 208 7.04 7.98 8.26
CA PHE B 208 5.76 8.30 7.63
C PHE B 208 5.43 7.33 6.51
N ALA B 209 6.45 6.81 5.80
CA ALA B 209 6.19 5.76 4.83
C ALA B 209 5.64 4.52 5.51
N LYS B 210 6.20 4.14 6.65
CA LYS B 210 5.67 3.02 7.41
C LYS B 210 4.22 3.25 7.80
N LYS B 211 3.93 4.46 8.29
CA LYS B 211 2.57 4.78 8.72
C LYS B 211 1.60 4.68 7.56
N ALA B 212 1.97 5.22 6.40
CA ALA B 212 1.10 5.17 5.24
C ALA B 212 0.88 3.74 4.76
N ALA B 213 1.96 2.96 4.68
CA ALA B 213 1.83 1.58 4.19
C ALA B 213 1.00 0.73 5.13
N ALA B 214 1.23 0.86 6.44
CA ALA B 214 0.53 0.02 7.40
C ALA B 214 -0.97 0.28 7.37
N GLY B 215 -1.37 1.55 7.27
CA GLY B 215 -2.77 1.92 7.25
C GLY B 215 -3.44 1.56 5.95
N GLU B 216 -4.69 2.02 5.82
CA GLU B 216 -5.46 1.74 4.62
C GLU B 216 -4.78 2.34 3.39
N ARG B 217 -4.81 1.60 2.29
CA ARG B 217 -4.18 2.01 1.03
C ARG B 217 -5.28 2.43 0.06
N GLY B 218 -5.41 3.73 -0.16
CA GLY B 218 -6.39 4.27 -1.07
C GLY B 218 -5.86 4.40 -2.48
N LYS B 219 -6.61 5.15 -3.30
CA LYS B 219 -6.20 5.36 -4.68
C LYS B 219 -4.99 6.28 -4.78
N ASN B 220 -4.88 7.24 -3.85
CA ASN B 220 -3.75 8.17 -3.86
C ASN B 220 -2.48 7.58 -3.26
N TYR B 221 -2.57 6.43 -2.60
CA TYR B 221 -1.40 5.83 -2.00
C TYR B 221 -0.40 5.39 -3.06
N LYS B 222 0.87 5.70 -2.83
CA LYS B 222 1.96 5.30 -3.72
C LYS B 222 2.92 4.38 -2.95
N LYS B 223 3.19 3.21 -3.53
CA LYS B 223 4.11 2.28 -2.89
C LYS B 223 5.53 2.84 -2.92
N LEU B 224 6.27 2.61 -1.84
CA LEU B 224 7.65 3.06 -1.73
C LEU B 224 8.51 2.32 -2.74
N ASN B 225 8.94 3.01 -3.79
CA ASN B 225 9.83 2.43 -4.80
C ASN B 225 11.27 2.69 -4.33
N GLN B 226 11.82 1.73 -3.59
CA GLN B 226 13.12 1.91 -2.99
C GLN B 226 14.23 2.09 -4.01
N THR B 227 14.06 1.54 -5.23
CA THR B 227 15.10 1.58 -6.24
C THR B 227 14.64 2.24 -7.53
N ALA B 228 13.63 3.11 -7.46
CA ALA B 228 13.21 3.86 -8.64
C ALA B 228 14.37 4.70 -9.16
N ILE B 229 14.45 4.81 -10.48
CA ILE B 229 15.57 5.49 -11.11
C ILE B 229 15.47 6.99 -10.86
N ILE B 230 16.53 7.56 -10.32
CA ILE B 230 16.64 9.00 -10.10
C ILE B 230 17.92 9.46 -10.79
N PRO B 231 17.85 10.33 -11.79
CA PRO B 231 19.08 10.83 -12.40
C PRO B 231 19.94 11.53 -11.36
N PRO B 232 21.26 11.46 -11.48
CA PRO B 232 22.11 12.16 -10.55
C PRO B 232 21.78 13.64 -10.53
N PRO B 233 22.07 14.33 -9.43
CA PRO B 233 21.72 15.76 -9.37
C PRO B 233 22.28 16.58 -10.53
N ARG B 234 23.50 16.28 -10.97
CA ARG B 234 24.06 17.01 -12.09
C ARG B 234 23.33 16.72 -13.40
N PHE B 235 22.49 15.69 -13.44
CA PHE B 235 21.59 15.43 -14.56
C PHE B 235 20.17 15.91 -14.28
N LEU B 236 19.70 15.76 -13.05
CA LEU B 236 18.31 16.07 -12.74
C LEU B 236 18.00 17.54 -12.96
N ILE B 237 18.88 18.43 -12.50
CA ILE B 237 18.64 19.85 -12.66
C ILE B 237 18.68 20.26 -14.13
N ILE B 238 19.55 19.61 -14.91
CA ILE B 238 19.60 19.87 -16.34
C ILE B 238 18.44 19.20 -17.06
N GLY B 239 17.84 18.17 -16.46
CA GLY B 239 16.78 17.43 -17.10
C GLY B 239 17.23 16.35 -18.04
N HIS B 240 18.53 16.15 -18.19
CA HIS B 240 19.07 15.10 -19.06
C HIS B 240 18.78 13.74 -18.44
N ARG B 241 17.81 13.03 -18.99
CA ARG B 241 17.43 11.73 -18.43
C ARG B 241 18.61 10.77 -18.50
N LEU B 242 18.86 10.07 -17.40
CA LEU B 242 19.91 9.06 -17.36
C LEU B 242 19.64 7.99 -18.41
N GLN B 243 20.65 7.68 -19.21
CA GLN B 243 20.50 6.70 -20.28
C GLN B 243 21.86 6.09 -20.58
N ILE B 244 21.88 5.16 -21.55
CA ILE B 244 23.10 4.47 -21.93
C ILE B 244 24.07 5.46 -22.58
N GLY B 245 25.34 5.34 -22.23
CA GLY B 245 26.39 6.13 -22.84
C GLY B 245 26.85 7.31 -22.02
N ASP B 246 26.08 7.74 -21.04
CA ASP B 246 26.48 8.88 -20.22
C ASP B 246 27.70 8.52 -19.37
N GLN B 247 28.64 9.45 -19.28
CA GLN B 247 29.87 9.24 -18.52
C GLN B 247 29.59 9.52 -17.06
N VAL B 248 29.58 8.47 -16.23
CA VAL B 248 29.28 8.58 -14.81
C VAL B 248 30.30 7.76 -14.03
N THR B 249 30.49 8.16 -12.77
CA THR B 249 31.29 7.38 -11.85
C THR B 249 30.49 6.18 -11.36
N LEU B 250 31.20 5.12 -10.96
CA LEU B 250 30.52 3.91 -10.52
C LEU B 250 29.60 4.18 -9.34
N ARG B 251 30.09 4.93 -8.35
CA ARG B 251 29.32 5.17 -7.14
C ARG B 251 28.04 5.94 -7.45
N GLU B 252 28.15 7.00 -8.26
CA GLU B 252 26.98 7.83 -8.53
C GLU B 252 25.96 7.06 -9.36
N LEU B 253 26.40 6.26 -10.33
CA LEU B 253 25.46 5.45 -11.09
C LEU B 253 24.76 4.43 -10.19
N LEU B 254 25.53 3.78 -9.31
CA LEU B 254 24.93 2.80 -8.42
C LEU B 254 23.91 3.45 -7.49
N ALA B 255 24.21 4.65 -7.02
CA ALA B 255 23.23 5.39 -6.23
C ALA B 255 22.00 5.72 -7.07
N SER B 256 22.19 6.06 -8.34
CA SER B 256 21.06 6.40 -9.20
C SER B 256 20.11 5.20 -9.37
N ILE B 257 20.67 4.02 -9.61
CA ILE B 257 19.83 2.86 -9.90
C ILE B 257 19.50 2.05 -8.64
N ALA B 258 20.38 2.03 -7.65
CA ALA B 258 20.18 1.24 -6.45
C ALA B 258 20.84 1.98 -5.28
N TRP B 259 21.03 1.27 -4.17
CA TRP B 259 21.67 1.87 -3.00
C TRP B 259 22.62 0.84 -2.39
N GLY B 260 23.09 1.14 -1.17
CA GLY B 260 24.21 0.40 -0.62
C GLY B 260 23.93 -1.08 -0.41
N LEU B 261 22.72 -1.41 0.04
CA LEU B 261 22.39 -2.78 0.40
C LEU B 261 21.75 -3.57 -0.72
N CYS B 262 21.64 -3.01 -1.91
CA CYS B 262 21.13 -3.81 -3.03
C CYS B 262 22.21 -4.79 -3.50
N ASP B 263 21.82 -5.65 -4.44
CA ASP B 263 22.72 -6.68 -4.91
C ASP B 263 23.92 -6.07 -5.63
N GLY B 264 25.04 -6.80 -5.62
CA GLY B 264 26.22 -6.35 -6.34
C GLY B 264 26.16 -6.56 -7.83
N VAL B 265 25.22 -7.37 -8.30
CA VAL B 265 25.11 -7.64 -9.74
C VAL B 265 24.88 -6.35 -10.51
N LEU B 266 24.28 -5.35 -9.88
CA LEU B 266 24.02 -4.09 -10.55
C LEU B 266 25.31 -3.41 -11.00
N ALA B 267 26.46 -3.79 -10.43
CA ALA B 267 27.72 -3.26 -10.90
C ALA B 267 27.96 -3.58 -12.37
N GLU B 268 27.29 -4.60 -12.90
CA GLU B 268 27.40 -4.93 -14.32
C GLU B 268 26.77 -3.89 -15.22
N CYS B 269 26.00 -2.96 -14.66
CA CYS B 269 25.45 -1.85 -15.43
C CYS B 269 26.49 -0.78 -15.73
N TRP B 270 27.73 -0.97 -15.31
CA TRP B 270 28.79 -0.01 -15.49
C TRP B 270 29.97 -0.68 -16.19
N SER B 271 30.76 0.12 -16.88
CA SER B 271 31.94 -0.38 -17.59
C SER B 271 33.00 0.71 -17.66
N PRO B 272 34.19 0.49 -17.08
CA PRO B 272 35.22 1.53 -17.14
C PRO B 272 35.57 1.89 -18.58
N SER B 273 35.86 3.17 -18.79
CA SER B 273 36.26 3.65 -20.11
C SER B 273 37.75 3.44 -20.32
N GLN B 274 38.27 3.95 -21.44
CA GLN B 274 39.69 3.82 -21.73
C GLN B 274 40.52 4.46 -20.64
N GLY B 275 41.63 3.80 -20.27
CA GLY B 275 42.54 4.35 -19.30
C GLY B 275 42.09 4.22 -17.86
N ASP B 276 41.12 3.35 -17.58
CA ASP B 276 40.65 3.15 -16.22
C ASP B 276 40.12 4.45 -15.64
N GLY B 277 40.96 5.18 -14.90
CA GLY B 277 40.51 6.44 -14.31
C GLY B 277 39.43 6.22 -13.28
N SER B 278 38.55 7.21 -13.16
CA SER B 278 37.45 7.17 -12.21
C SER B 278 36.07 7.26 -12.85
N ILE B 279 35.97 7.79 -14.07
CA ILE B 279 34.69 7.99 -14.75
C ILE B 279 34.60 6.98 -15.90
N GLY B 280 33.51 6.21 -15.91
CA GLY B 280 33.30 5.21 -16.94
C GLY B 280 32.16 5.56 -17.87
N VAL B 281 31.20 4.64 -18.03
CA VAL B 281 30.05 4.84 -18.90
C VAL B 281 28.96 3.87 -18.49
N VAL B 282 27.71 4.28 -18.73
CA VAL B 282 26.55 3.44 -18.44
C VAL B 282 26.34 2.48 -19.60
N VAL B 283 26.18 1.20 -19.28
CA VAL B 283 25.98 0.18 -20.30
C VAL B 283 24.58 -0.44 -20.23
N GLY B 284 23.88 -0.32 -19.11
CA GLY B 284 22.53 -0.86 -19.00
C GLY B 284 21.76 -0.20 -17.90
N LEU B 285 20.45 -0.37 -17.94
CA LEU B 285 19.54 0.17 -16.93
C LEU B 285 18.56 -0.92 -16.52
N PRO B 286 18.68 -1.47 -15.32
CA PRO B 286 17.80 -2.59 -14.93
C PRO B 286 16.32 -2.23 -15.03
N LEU B 287 15.49 -3.26 -14.89
CA LEU B 287 14.05 -3.13 -14.85
C LEU B 287 13.52 -3.81 -13.60
N GLN B 288 12.49 -3.21 -13.00
CA GLN B 288 11.92 -3.66 -11.73
C GLN B 288 10.42 -3.91 -11.86
N ALA B 289 10.03 -4.61 -12.92
CA ALA B 289 8.65 -4.97 -13.18
C ALA B 289 8.48 -6.48 -13.10
N THR B 290 7.25 -6.93 -13.34
CA THR B 290 6.92 -8.36 -13.37
C THR B 290 7.24 -9.02 -12.03
N GLY B 291 6.52 -8.60 -11.00
CA GLY B 291 6.67 -9.17 -9.68
C GLY B 291 5.35 -9.71 -9.15
N SER B 292 5.36 -10.94 -8.64
CA SER B 292 4.15 -11.60 -8.16
C SER B 292 4.46 -12.31 -6.85
N CYS B 293 3.42 -12.87 -6.25
CA CYS B 293 3.50 -13.53 -4.96
C CYS B 293 3.59 -15.04 -5.14
N PHE B 294 4.42 -15.68 -4.33
CA PHE B 294 4.65 -17.12 -4.42
C PHE B 294 4.59 -17.75 -3.04
N LEU B 295 3.57 -17.40 -2.26
CA LEU B 295 3.39 -17.91 -0.92
C LEU B 295 2.18 -18.85 -0.88
N VAL B 296 2.18 -19.74 0.11
CA VAL B 296 1.05 -20.64 0.33
C VAL B 296 0.79 -20.74 1.83
N VAL B 297 -0.24 -20.02 2.30
CA VAL B 297 -0.51 -20.00 3.73
C VAL B 297 -1.05 -21.34 4.20
N ALA B 298 -0.86 -21.60 5.48
CA ALA B 298 -1.35 -22.84 6.08
C ALA B 298 -2.87 -22.83 6.12
N SER B 299 -3.47 -24.00 5.90
CA SER B 299 -4.93 -24.12 5.93
C SER B 299 -5.31 -25.59 5.91
N HIS B 300 -6.40 -25.90 6.60
CA HIS B 300 -6.97 -27.24 6.59
C HIS B 300 -5.94 -28.29 7.02
N GLY B 301 -5.09 -27.92 7.97
CA GLY B 301 -4.08 -28.82 8.50
C GLY B 301 -2.76 -28.79 7.78
N LEU B 302 -2.67 -28.11 6.63
CA LEU B 302 -1.41 -27.98 5.93
C LEU B 302 -0.50 -27.00 6.65
N SER B 303 0.77 -26.98 6.26
CA SER B 303 1.77 -26.13 6.87
C SER B 303 2.17 -25.02 5.91
N ALA B 304 2.41 -23.83 6.46
CA ALA B 304 2.71 -22.67 5.64
C ALA B 304 4.01 -22.89 4.87
N ILE B 305 4.05 -22.34 3.66
CA ILE B 305 5.23 -22.38 2.80
C ILE B 305 5.65 -20.95 2.50
N ALA B 306 6.92 -20.65 2.73
CA ALA B 306 7.42 -19.30 2.44
C ALA B 306 7.59 -19.08 0.94
N ASP B 307 7.84 -20.14 0.18
CA ASP B 307 8.02 -20.01 -1.26
C ASP B 307 7.75 -21.37 -1.90
N SER B 308 6.93 -21.39 -2.95
CA SER B 308 6.65 -22.64 -3.63
C SER B 308 7.84 -23.08 -4.48
N ARG B 309 8.49 -22.15 -5.17
CA ARG B 309 9.60 -22.51 -6.03
C ARG B 309 10.75 -23.11 -5.24
N ILE B 310 11.19 -22.41 -4.19
CA ILE B 310 12.33 -22.86 -3.42
C ILE B 310 12.05 -24.18 -2.71
N GLU B 311 10.78 -24.48 -2.45
CA GLU B 311 10.43 -25.71 -1.76
C GLU B 311 10.98 -26.92 -2.51
N GLY B 312 10.51 -27.13 -3.75
CA GLY B 312 11.00 -28.22 -4.57
C GLY B 312 11.10 -29.52 -3.80
N THR B 313 12.32 -30.01 -3.63
CA THR B 313 12.60 -31.18 -2.81
C THR B 313 13.67 -30.87 -1.76
N GLY B 314 13.69 -29.63 -1.25
CA GLY B 314 14.62 -29.21 -0.24
C GLY B 314 15.79 -28.41 -0.77
N ASN B 315 15.88 -28.22 -2.08
CA ASN B 315 17.01 -27.51 -2.69
C ASN B 315 16.82 -26.01 -2.51
N THR B 316 17.49 -25.44 -1.53
CA THR B 316 17.41 -24.00 -1.26
C THR B 316 18.58 -23.26 -1.90
N ASN B 317 18.69 -23.40 -3.22
CA ASN B 317 19.75 -22.78 -4.01
C ASN B 317 19.13 -21.61 -4.78
N LEU B 318 18.97 -20.47 -4.10
CA LEU B 318 18.39 -19.27 -4.69
C LEU B 318 19.48 -18.34 -5.21
N LEU B 319 20.21 -18.83 -6.22
CA LEU B 319 21.21 -18.04 -6.92
C LEU B 319 20.98 -17.99 -8.43
N GLU B 320 19.96 -18.68 -8.93
CA GLU B 320 19.66 -18.69 -10.35
C GLU B 320 18.85 -17.46 -10.79
N GLU B 321 18.37 -16.66 -9.85
CA GLU B 321 17.58 -15.50 -10.20
C GLU B 321 18.41 -14.52 -11.02
N CYS B 322 17.76 -13.86 -11.97
CA CYS B 322 18.43 -12.95 -12.88
C CYS B 322 17.74 -11.59 -12.88
N ILE B 323 18.52 -10.56 -13.16
CA ILE B 323 18.02 -9.19 -13.31
C ILE B 323 18.03 -8.84 -14.78
N ALA B 324 16.96 -8.20 -15.24
CA ALA B 324 16.82 -7.84 -16.65
C ALA B 324 17.46 -6.48 -16.88
N ILE B 325 18.43 -6.45 -17.79
CA ILE B 325 19.17 -5.23 -18.13
C ILE B 325 18.86 -4.88 -19.58
N GLN B 326 18.39 -3.67 -19.81
CA GLN B 326 18.07 -3.19 -21.16
C GLN B 326 19.31 -2.52 -21.72
N LYS B 327 20.00 -3.21 -22.64
CA LYS B 327 21.18 -2.67 -23.29
C LYS B 327 20.83 -2.11 -24.66
N GLN B 328 21.81 -1.46 -25.28
CA GLN B 328 21.58 -0.88 -26.60
C GLN B 328 21.20 -1.94 -27.62
N ASP B 329 21.91 -3.08 -27.61
CA ASP B 329 21.57 -4.16 -28.53
C ASP B 329 20.20 -4.74 -28.21
N GLY B 330 19.90 -4.94 -26.94
CA GLY B 330 18.62 -5.50 -26.54
C GLY B 330 18.61 -5.83 -25.07
N VAL B 331 17.54 -6.50 -24.66
CA VAL B 331 17.35 -6.89 -23.27
C VAL B 331 18.11 -8.18 -23.02
N ILE B 332 18.86 -8.23 -21.91
CA ILE B 332 19.57 -9.42 -21.48
C ILE B 332 19.22 -9.69 -20.03
N LYS B 333 19.65 -10.85 -19.54
CA LYS B 333 19.45 -11.25 -18.15
C LYS B 333 20.80 -11.57 -17.53
N CYS B 334 21.06 -11.03 -16.35
CA CYS B 334 22.32 -11.22 -15.65
C CYS B 334 22.07 -11.98 -14.35
N LYS B 335 22.86 -13.03 -14.13
CA LYS B 335 22.70 -13.83 -12.92
C LYS B 335 23.11 -13.04 -11.69
N ARG B 336 22.29 -13.12 -10.64
CA ARG B 336 22.55 -12.37 -9.42
C ARG B 336 23.80 -12.89 -8.73
N SER B 337 24.59 -11.97 -8.17
CA SER B 337 25.78 -12.34 -7.41
C SER B 337 25.47 -12.64 -5.96
N GLY B 338 24.40 -12.07 -5.41
CA GLY B 338 24.02 -12.36 -4.04
C GLY B 338 24.92 -11.74 -2.99
N LYS B 339 25.54 -10.60 -3.28
CA LYS B 339 26.35 -9.89 -2.30
C LYS B 339 26.02 -8.40 -2.34
N SER B 340 26.16 -7.76 -1.19
CA SER B 340 25.80 -6.36 -1.06
C SER B 340 26.73 -5.47 -1.88
N LEU B 341 26.17 -4.37 -2.38
CA LEU B 341 26.95 -3.42 -3.17
C LEU B 341 28.04 -2.77 -2.32
N TYR B 342 27.71 -2.42 -1.08
CA TYR B 342 28.71 -1.81 -0.21
C TYR B 342 29.90 -2.74 0.01
N HIS B 343 29.62 -4.04 0.21
CA HIS B 343 30.70 -5.01 0.37
C HIS B 343 31.57 -5.05 -0.89
N CYS B 344 30.94 -5.20 -2.05
CA CYS B 344 31.68 -5.38 -3.29
C CYS B 344 32.54 -4.15 -3.62
N LEU B 345 31.98 -2.95 -3.42
CA LEU B 345 32.71 -1.75 -3.79
C LEU B 345 34.03 -1.65 -3.04
N LYS B 346 34.00 -1.91 -1.73
CA LYS B 346 35.23 -1.85 -0.94
C LYS B 346 36.13 -3.05 -1.22
N GLU B 347 35.55 -4.24 -1.40
CA GLU B 347 36.37 -5.42 -1.62
C GLU B 347 37.18 -5.30 -2.91
N THR B 348 36.52 -4.96 -4.03
CA THR B 348 37.21 -4.88 -5.30
C THR B 348 38.23 -3.76 -5.37
N ALA B 349 38.17 -2.79 -4.45
CA ALA B 349 39.12 -1.70 -4.42
C ALA B 349 40.43 -2.06 -3.72
N GLY B 350 40.49 -3.24 -3.10
CA GLY B 350 41.70 -3.67 -2.42
C GLY B 350 42.61 -4.50 -3.31
N GLY C 291 32.62 -4.06 12.67
CA GLY C 291 31.19 -4.17 12.43
C GLY C 291 30.83 -3.93 10.99
N SER C 292 29.80 -4.64 10.52
CA SER C 292 29.34 -4.53 9.14
C SER C 292 28.03 -5.28 9.02
N CYS C 293 27.43 -5.22 7.84
CA CYS C 293 26.19 -5.92 7.55
C CYS C 293 26.32 -6.64 6.21
N PHE C 294 25.57 -7.72 6.05
CA PHE C 294 25.61 -8.54 4.85
C PHE C 294 24.25 -8.67 4.19
N LEU C 295 23.30 -7.81 4.54
CA LEU C 295 21.97 -7.88 3.96
C LEU C 295 22.02 -7.59 2.46
N VAL C 296 21.09 -8.20 1.73
CA VAL C 296 20.87 -7.89 0.33
C VAL C 296 19.37 -7.80 0.09
N VAL C 297 18.84 -6.59 0.09
CA VAL C 297 17.40 -6.41 -0.04
C VAL C 297 16.94 -6.85 -1.42
N ALA C 298 15.69 -7.29 -1.50
CA ALA C 298 15.11 -7.65 -2.78
C ALA C 298 15.01 -6.41 -3.67
N SER C 299 15.34 -6.59 -4.95
CA SER C 299 15.32 -5.47 -5.89
C SER C 299 15.30 -6.01 -7.31
N HIS C 300 14.61 -5.29 -8.18
CA HIS C 300 14.55 -5.62 -9.60
C HIS C 300 14.09 -7.05 -9.84
N GLY C 301 13.10 -7.48 -9.06
CA GLY C 301 12.55 -8.81 -9.20
C GLY C 301 13.33 -9.90 -8.51
N LEU C 302 14.47 -9.58 -7.89
CA LEU C 302 15.24 -10.58 -7.17
C LEU C 302 14.54 -10.93 -5.85
N SER C 303 15.18 -11.82 -5.10
CA SER C 303 14.67 -12.25 -3.80
C SER C 303 15.60 -11.76 -2.69
N ALA C 304 15.00 -11.35 -1.58
CA ALA C 304 15.77 -10.84 -0.47
C ALA C 304 16.64 -11.93 0.16
N ILE C 305 17.76 -11.50 0.75
CA ILE C 305 18.69 -12.39 1.43
C ILE C 305 18.88 -11.85 2.84
N ALA C 306 18.71 -12.72 3.84
CA ALA C 306 18.93 -12.31 5.22
C ALA C 306 20.42 -12.18 5.53
N ASP C 307 21.27 -12.88 4.79
CA ASP C 307 22.71 -12.83 5.02
C ASP C 307 23.41 -13.46 3.82
N SER C 308 24.40 -12.75 3.28
CA SER C 308 25.12 -13.26 2.12
C SER C 308 25.91 -14.53 2.45
N ARG C 309 26.55 -14.56 3.61
CA ARG C 309 27.41 -15.69 3.95
C ARG C 309 26.60 -16.98 4.10
N ILE C 310 25.45 -16.91 4.77
CA ILE C 310 24.68 -18.12 5.03
C ILE C 310 24.17 -18.77 3.75
N GLU C 311 23.90 -17.98 2.71
CA GLU C 311 23.44 -18.52 1.44
C GLU C 311 24.50 -19.42 0.82
#